data_1T6X
#
_entry.id   1T6X
#
_cell.length_a   66.734
_cell.length_b   81.831
_cell.length_c   66.873
_cell.angle_alpha   90.00
_cell.angle_beta   117.00
_cell.angle_gamma   90.00
#
_symmetry.space_group_name_H-M   'P 1 21 1'
#
loop_
_entity.id
_entity.type
_entity.pdbx_description
1 polymer 'riboflavin kinase/FMN adenylyltransferase'
2 non-polymer "ADENOSINE-5'-DIPHOSPHATE"
3 water water
#
_entity_poly.entity_id   1
_entity_poly.type   'polypeptide(L)'
_entity_poly.pdbx_seq_one_letter_code
;MVVSIGVFDGVHIGHQKVLRTMKEIAFFRKDDSLIYTISYPPEYFLPDFPGLLMTVESRVEMLSRYARTVVLDFFRIKDL
TPEGFVERYLSGVSAVVVGRDFRFGKNASGNASFLRKKGVEVYEIEDVVVQGKRVSSSLIRNLVQEGRVEEIPAYLGRYF
EIEGIVHKDREFGRKLGFPTANIDRGNEKLVDLKRGVYLVRVHLPDGKKKFGVMNVGFRPTVGDARNVKYEVYILDFEGD
LYGQRLKLEVLKFMRDEKKFDSIEELKAAIDQDVKSARNMIDDIINSKFEKEG
;
_entity_poly.pdbx_strand_id   A,B
#
loop_
_chem_comp.id
_chem_comp.type
_chem_comp.name
_chem_comp.formula
ADP non-polymer ADENOSINE-5'-DIPHOSPHATE 'C10 H15 N5 O10 P2'
#
# COMPACT_ATOMS: atom_id res chain seq x y z
N VAL A 2 20.97 29.65 1.97
CA VAL A 2 20.19 28.65 2.78
C VAL A 2 19.68 27.53 1.84
N VAL A 3 19.67 26.31 2.33
CA VAL A 3 19.24 25.19 1.48
C VAL A 3 18.12 24.28 2.04
N SER A 4 17.01 24.14 1.34
CA SER A 4 16.08 23.15 1.86
C SER A 4 16.39 21.87 1.08
N ILE A 5 16.26 20.77 1.79
CA ILE A 5 16.53 19.47 1.25
C ILE A 5 15.34 18.53 1.41
N GLY A 6 14.98 17.84 0.33
CA GLY A 6 13.88 16.89 0.39
C GLY A 6 13.55 16.31 -0.97
N VAL A 7 12.51 15.46 -1.01
CA VAL A 7 12.05 14.87 -2.26
C VAL A 7 11.07 15.81 -2.90
N PHE A 8 10.09 16.29 -2.12
CA PHE A 8 9.06 17.25 -2.64
C PHE A 8 8.23 16.69 -3.77
N ASP A 9 7.95 15.40 -3.72
CA ASP A 9 7.18 14.75 -4.78
C ASP A 9 5.77 15.32 -4.76
N GLY A 10 5.40 16.08 -5.77
CA GLY A 10 4.07 16.65 -5.82
C GLY A 10 4.05 18.11 -5.43
N VAL A 11 5.01 18.49 -4.61
CA VAL A 11 5.12 19.86 -4.15
C VAL A 11 3.75 20.20 -3.56
N HIS A 12 3.34 19.42 -2.58
CA HIS A 12 2.06 19.63 -1.93
C HIS A 12 2.11 20.80 -0.99
N ILE A 13 1.02 21.07 -0.26
CA ILE A 13 1.01 22.25 0.59
C ILE A 13 1.96 22.17 1.73
N GLY A 14 2.27 20.97 2.19
CA GLY A 14 3.25 20.87 3.26
C GLY A 14 4.63 21.24 2.70
N HIS A 15 4.89 20.89 1.45
CA HIS A 15 6.16 21.19 0.81
C HIS A 15 6.27 22.70 0.61
N GLN A 16 5.21 23.31 0.13
CA GLN A 16 5.19 24.75 -0.07
C GLN A 16 5.47 25.44 1.26
N LYS A 17 5.05 24.82 2.35
CA LYS A 17 5.29 25.40 3.65
C LYS A 17 6.81 25.45 3.82
N VAL A 18 7.48 24.33 3.60
CA VAL A 18 8.94 24.27 3.71
C VAL A 18 9.62 25.31 2.81
N LEU A 19 9.22 25.39 1.55
CA LEU A 19 9.84 26.31 0.63
C LEU A 19 9.61 27.79 0.92
N ARG A 20 8.46 28.13 1.49
CA ARG A 20 8.22 29.53 1.77
C ARG A 20 9.05 29.94 2.97
N THR A 21 9.21 29.03 3.91
CA THR A 21 10.00 29.29 5.09
C THR A 21 11.46 29.45 4.76
N MET A 22 11.90 28.76 3.70
CA MET A 22 13.29 28.83 3.26
C MET A 22 13.52 30.22 2.74
N LYS A 23 12.63 30.68 1.87
CA LYS A 23 12.73 32.00 1.28
C LYS A 23 12.76 33.09 2.34
N GLU A 24 11.90 32.95 3.35
CA GLU A 24 11.86 33.92 4.43
C GLU A 24 13.16 33.81 5.22
N ILE A 25 13.57 32.58 5.51
CA ILE A 25 14.81 32.40 6.26
C ILE A 25 16.01 33.00 5.54
N ALA A 26 16.04 32.84 4.23
CA ALA A 26 17.11 33.35 3.44
C ALA A 26 17.04 34.85 3.46
N PHE A 27 15.83 35.40 3.51
CA PHE A 27 15.70 36.85 3.50
C PHE A 27 16.32 37.49 4.73
N PHE A 28 16.00 36.95 5.91
CA PHE A 28 16.53 37.54 7.11
C PHE A 28 17.97 37.19 7.37
N ARG A 29 18.48 36.19 6.65
CA ARG A 29 19.86 35.80 6.80
C ARG A 29 20.67 36.49 5.73
N LYS A 30 20.01 37.09 4.76
CA LYS A 30 20.76 37.77 3.70
C LYS A 30 21.55 36.76 2.90
N ASP A 31 21.01 35.55 2.74
CA ASP A 31 21.66 34.49 2.00
C ASP A 31 20.83 34.17 0.76
N ASP A 32 21.45 33.42 -0.15
CA ASP A 32 20.76 33.01 -1.36
C ASP A 32 19.90 31.80 -0.99
N SER A 33 18.97 31.46 -1.87
CA SER A 33 18.08 30.31 -1.65
C SER A 33 18.36 29.22 -2.67
N LEU A 34 18.49 27.98 -2.20
CA LEU A 34 18.72 26.84 -3.08
C LEU A 34 17.91 25.62 -2.63
N ILE A 35 17.25 24.95 -3.58
CA ILE A 35 16.48 23.77 -3.23
C ILE A 35 17.15 22.50 -3.73
N TYR A 36 17.43 21.57 -2.83
CA TYR A 36 17.98 20.27 -3.18
C TYR A 36 16.79 19.26 -3.16
N THR A 37 16.48 18.69 -4.31
CA THR A 37 15.42 17.70 -4.43
C THR A 37 16.04 16.36 -4.80
N ILE A 38 15.92 15.42 -3.89
CA ILE A 38 16.37 14.05 -4.04
C ILE A 38 15.40 13.43 -5.04
N SER A 39 15.95 12.91 -6.14
CA SER A 39 15.17 12.33 -7.22
C SER A 39 14.11 11.34 -6.76
N TYR A 40 14.50 10.36 -5.96
CA TYR A 40 13.54 9.36 -5.50
C TYR A 40 13.66 9.06 -4.03
N PRO A 41 12.51 8.84 -3.35
CA PRO A 41 12.53 8.52 -1.93
C PRO A 41 13.04 7.08 -1.89
N PRO A 42 13.53 6.63 -0.74
CA PRO A 42 14.05 5.26 -0.66
C PRO A 42 13.01 4.18 -0.95
N GLU A 43 11.76 4.44 -0.56
CA GLU A 43 10.67 3.50 -0.75
C GLU A 43 10.46 3.22 -2.23
N TYR A 44 10.81 4.20 -3.06
CA TYR A 44 10.66 4.08 -4.50
C TYR A 44 11.18 2.78 -5.11
N PHE A 45 12.17 2.16 -4.49
CA PHE A 45 12.72 0.95 -5.05
C PHE A 45 12.07 -0.33 -4.55
N LEU A 46 11.26 -0.20 -3.53
CA LEU A 46 10.53 -1.35 -2.99
C LEU A 46 9.34 -1.69 -3.89
N PRO A 47 8.95 -2.98 -3.91
CA PRO A 47 7.84 -3.49 -4.71
C PRO A 47 6.46 -2.81 -4.55
N ASP A 48 6.06 -2.57 -3.31
CA ASP A 48 4.75 -1.95 -3.01
C ASP A 48 4.66 -0.43 -3.13
N PHE A 49 5.69 0.21 -3.69
CA PHE A 49 5.66 1.66 -3.82
C PHE A 49 4.57 2.10 -4.77
N PRO A 50 3.57 2.84 -4.27
CA PRO A 50 2.48 3.30 -5.15
C PRO A 50 2.94 4.06 -6.38
N GLY A 51 4.08 4.77 -6.28
CA GLY A 51 4.59 5.54 -7.39
C GLY A 51 4.62 7.03 -7.09
N LEU A 52 5.41 7.79 -7.85
CA LEU A 52 5.52 9.24 -7.64
C LEU A 52 4.30 9.92 -8.22
N LEU A 53 3.93 11.05 -7.64
CA LEU A 53 2.80 11.83 -8.08
C LEU A 53 3.10 12.47 -9.41
N MET A 54 4.38 12.70 -9.70
CA MET A 54 4.71 13.34 -10.96
C MET A 54 6.14 12.97 -11.31
N THR A 55 6.56 13.31 -12.51
CA THR A 55 7.91 13.04 -12.94
C THR A 55 8.89 13.98 -12.19
N VAL A 56 10.16 13.62 -12.14
CA VAL A 56 11.16 14.48 -11.51
C VAL A 56 11.19 15.77 -12.30
N GLU A 57 11.06 15.68 -13.62
CA GLU A 57 11.08 16.87 -14.44
C GLU A 57 9.95 17.86 -14.13
N SER A 58 8.71 17.38 -14.05
CA SER A 58 7.58 18.26 -13.72
C SER A 58 7.82 18.87 -12.35
N ARG A 59 8.34 18.04 -11.45
CA ARG A 59 8.62 18.45 -10.10
C ARG A 59 9.64 19.59 -10.04
N VAL A 60 10.72 19.42 -10.79
CA VAL A 60 11.75 20.43 -10.80
C VAL A 60 11.12 21.71 -11.33
N GLU A 61 10.28 21.58 -12.34
CA GLU A 61 9.61 22.73 -12.92
C GLU A 61 8.79 23.51 -11.88
N MET A 62 8.28 22.82 -10.87
CA MET A 62 7.49 23.52 -9.86
C MET A 62 8.38 24.04 -8.75
N LEU A 63 9.43 23.29 -8.44
CA LEU A 63 10.34 23.71 -7.39
C LEU A 63 11.01 24.98 -7.86
N SER A 64 11.25 25.01 -9.16
CA SER A 64 11.92 26.10 -9.79
C SER A 64 11.15 27.41 -9.67
N ARG A 65 9.86 27.31 -9.42
CA ARG A 65 9.05 28.52 -9.27
C ARG A 65 9.41 29.24 -7.97
N TYR A 66 10.05 28.52 -7.04
CA TYR A 66 10.48 29.02 -5.72
C TYR A 66 11.97 29.44 -5.63
N ALA A 67 12.86 28.64 -6.19
CA ALA A 67 14.29 28.95 -6.17
C ALA A 67 15.07 28.01 -7.08
N ARG A 68 16.36 28.32 -7.21
CA ARG A 68 17.27 27.53 -8.00
C ARG A 68 17.03 26.14 -7.44
N THR A 69 16.85 25.16 -8.33
CA THR A 69 16.60 23.80 -7.86
C THR A 69 17.66 22.86 -8.37
N VAL A 70 18.27 22.10 -7.47
CA VAL A 70 19.26 21.14 -7.86
C VAL A 70 18.79 19.72 -7.51
N VAL A 71 18.88 18.82 -8.48
CA VAL A 71 18.45 17.44 -8.28
C VAL A 71 19.56 16.65 -7.63
N LEU A 72 19.28 16.03 -6.50
CA LEU A 72 20.27 15.18 -5.87
C LEU A 72 19.84 13.81 -6.39
N ASP A 73 20.77 13.15 -7.07
CA ASP A 73 20.55 11.85 -7.67
C ASP A 73 20.65 10.83 -6.60
N PHE A 74 19.54 10.10 -6.40
CA PHE A 74 19.48 9.05 -5.41
C PHE A 74 20.65 8.06 -5.47
N PHE A 75 20.98 7.58 -6.65
CA PHE A 75 22.07 6.62 -6.78
C PHE A 75 23.42 7.21 -6.37
N ARG A 76 23.59 8.51 -6.63
CA ARG A 76 24.83 9.19 -6.28
C ARG A 76 24.99 9.50 -4.79
N ILE A 77 23.92 9.46 -4.00
CA ILE A 77 24.04 9.80 -2.57
C ILE A 77 23.75 8.68 -1.56
N LYS A 78 22.94 7.71 -1.94
CA LYS A 78 22.57 6.64 -1.03
C LYS A 78 23.74 6.02 -0.26
N ASP A 79 24.90 5.95 -0.89
CA ASP A 79 26.03 5.33 -0.22
C ASP A 79 26.98 6.21 0.58
N LEU A 80 26.74 7.52 0.57
CA LEU A 80 27.61 8.44 1.30
C LEU A 80 27.39 8.43 2.79
N THR A 81 28.45 8.76 3.51
CA THR A 81 28.39 8.89 4.95
C THR A 81 27.83 10.32 5.19
N PRO A 82 27.30 10.58 6.38
CA PRO A 82 26.76 11.91 6.68
C PRO A 82 27.82 12.92 6.34
N GLU A 83 29.04 12.64 6.80
CA GLU A 83 30.19 13.53 6.55
C GLU A 83 30.38 13.71 5.06
N GLY A 84 30.43 12.60 4.33
CA GLY A 84 30.61 12.65 2.90
C GLY A 84 29.49 13.47 2.28
N PHE A 85 28.29 13.29 2.80
CA PHE A 85 27.20 14.07 2.24
C PHE A 85 27.44 15.56 2.49
N VAL A 86 27.70 15.92 3.73
CA VAL A 86 27.90 17.34 4.06
C VAL A 86 29.03 17.98 3.24
N GLU A 87 30.17 17.29 3.21
CA GLU A 87 31.33 17.76 2.49
C GLU A 87 31.05 17.98 1.01
N ARG A 88 30.30 17.09 0.40
CA ARG A 88 30.06 17.23 -1.03
C ARG A 88 28.88 18.09 -1.47
N TYR A 89 27.88 18.26 -0.62
CA TYR A 89 26.72 19.03 -1.06
C TYR A 89 26.40 20.27 -0.25
N LEU A 90 26.95 20.30 0.95
CA LEU A 90 26.75 21.39 1.89
C LEU A 90 27.97 22.24 2.29
N SER A 91 29.07 22.16 1.55
CA SER A 91 30.23 22.98 1.91
C SER A 91 29.85 24.43 1.76
N GLY A 92 30.13 25.22 2.78
CA GLY A 92 29.77 26.63 2.71
C GLY A 92 28.27 26.86 2.84
N VAL A 93 27.58 25.97 3.55
CA VAL A 93 26.16 26.15 3.75
C VAL A 93 25.95 26.34 5.25
N SER A 94 25.34 27.45 5.61
CA SER A 94 25.14 27.71 7.03
C SER A 94 23.79 27.19 7.53
N ALA A 95 22.83 27.14 6.64
CA ALA A 95 21.51 26.71 7.04
C ALA A 95 20.77 25.82 6.05
N VAL A 96 20.13 24.79 6.58
CA VAL A 96 19.28 23.92 5.77
C VAL A 96 17.90 23.83 6.42
N VAL A 97 16.89 23.86 5.55
CA VAL A 97 15.52 23.78 5.96
C VAL A 97 14.98 22.43 5.50
N VAL A 98 14.57 21.61 6.46
CA VAL A 98 14.03 20.27 6.18
C VAL A 98 12.77 19.96 6.99
N GLY A 99 12.03 18.95 6.54
CA GLY A 99 10.82 18.52 7.22
C GLY A 99 11.30 17.74 8.42
N ARG A 100 10.40 17.42 9.34
CA ARG A 100 10.74 16.67 10.54
C ARG A 100 11.28 15.28 10.17
N ASP A 101 12.04 14.68 11.09
CA ASP A 101 12.61 13.35 10.87
C ASP A 101 13.38 13.17 9.55
N PHE A 102 14.02 14.25 9.11
CA PHE A 102 14.81 14.23 7.89
C PHE A 102 15.98 13.28 8.12
N ARG A 103 16.33 12.51 7.11
CA ARG A 103 17.44 11.56 7.21
C ARG A 103 18.30 11.55 5.93
N PHE A 104 19.58 11.20 6.04
CA PHE A 104 20.44 11.17 4.86
C PHE A 104 21.67 10.32 5.10
N GLY A 105 22.32 9.90 4.02
CA GLY A 105 23.51 9.08 4.14
C GLY A 105 23.23 7.61 4.37
N LYS A 106 24.27 6.81 4.19
CA LYS A 106 24.17 5.37 4.38
C LYS A 106 23.43 5.08 5.68
N ASN A 107 22.49 4.14 5.61
CA ASN A 107 21.70 3.71 6.75
C ASN A 107 20.94 4.85 7.41
N ALA A 108 20.53 5.85 6.64
CA ALA A 108 19.81 7.01 7.19
C ALA A 108 20.47 7.42 8.51
N SER A 109 21.80 7.35 8.55
CA SER A 109 22.57 7.66 9.74
C SER A 109 22.71 9.15 10.01
N GLY A 110 22.49 9.98 8.99
CA GLY A 110 22.60 11.41 9.18
C GLY A 110 21.27 12.07 9.49
N ASN A 111 21.26 12.98 10.46
CA ASN A 111 20.03 13.68 10.82
C ASN A 111 20.28 15.15 11.10
N ALA A 112 19.26 15.84 11.62
CA ALA A 112 19.39 17.24 11.92
C ALA A 112 20.44 17.41 12.99
N SER A 113 20.45 16.54 14.01
CA SER A 113 21.46 16.64 15.05
C SER A 113 22.84 16.72 14.39
N PHE A 114 23.16 15.69 13.61
CA PHE A 114 24.45 15.62 12.94
C PHE A 114 24.78 16.92 12.23
N LEU A 115 23.86 17.43 11.43
CA LEU A 115 24.10 18.67 10.71
C LEU A 115 24.47 19.81 11.65
N ARG A 116 23.85 19.82 12.82
CA ARG A 116 24.11 20.85 13.81
C ARG A 116 25.52 20.75 14.39
N LYS A 117 25.95 19.53 14.70
CA LYS A 117 27.28 19.35 15.27
C LYS A 117 28.34 19.80 14.28
N LYS A 118 27.96 19.97 13.02
CA LYS A 118 28.88 20.40 11.97
C LYS A 118 28.73 21.88 11.74
N GLY A 119 28.05 22.57 12.65
CA GLY A 119 27.87 24.00 12.52
C GLY A 119 26.76 24.48 11.61
N VAL A 120 26.09 23.57 10.91
CA VAL A 120 25.02 23.98 10.03
C VAL A 120 23.76 24.12 10.90
N GLU A 121 23.04 25.23 10.76
CA GLU A 121 21.83 25.39 11.55
C GLU A 121 20.69 24.77 10.73
N VAL A 122 19.89 23.95 11.40
CA VAL A 122 18.78 23.27 10.76
C VAL A 122 17.40 23.76 11.19
N TYR A 123 16.62 24.25 10.22
CA TYR A 123 15.26 24.67 10.52
C TYR A 123 14.31 23.51 10.16
N GLU A 124 13.78 22.85 11.18
CA GLU A 124 12.86 21.72 11.00
C GLU A 124 11.42 22.18 10.92
N ILE A 125 10.86 22.20 9.72
CA ILE A 125 9.48 22.65 9.54
C ILE A 125 8.40 21.62 9.93
N GLU A 126 7.41 22.07 10.71
CA GLU A 126 6.34 21.18 11.14
C GLU A 126 5.42 20.83 9.96
N ASP A 127 4.95 19.59 9.93
CA ASP A 127 4.04 19.16 8.85
C ASP A 127 2.72 19.95 8.92
N VAL A 128 2.14 20.22 7.75
CA VAL A 128 0.87 20.92 7.70
C VAL A 128 -0.24 19.87 7.89
N VAL A 129 -1.24 20.18 8.70
CA VAL A 129 -2.31 19.22 8.90
C VAL A 129 -3.58 19.72 8.29
N VAL A 130 -4.26 18.84 7.55
CA VAL A 130 -5.52 19.18 6.90
C VAL A 130 -6.52 18.09 7.29
N GLN A 131 -7.70 18.52 7.75
CA GLN A 131 -8.76 17.61 8.18
C GLN A 131 -8.17 16.53 9.07
N GLY A 132 -7.55 16.95 10.16
CA GLY A 132 -6.93 16.00 11.07
C GLY A 132 -5.87 15.10 10.46
N LYS A 133 -5.51 15.34 9.20
CA LYS A 133 -4.49 14.52 8.52
C LYS A 133 -3.22 15.30 8.16
N ARG A 134 -2.06 14.67 8.33
CA ARG A 134 -0.80 15.32 7.97
C ARG A 134 -0.59 15.24 6.48
N VAL A 135 -0.41 16.39 5.86
CA VAL A 135 -0.20 16.39 4.43
C VAL A 135 1.08 15.63 4.10
N SER A 136 1.07 14.91 2.99
CA SER A 136 2.25 14.18 2.57
C SER A 136 2.00 13.45 1.26
N SER A 137 3.09 13.17 0.57
CA SER A 137 3.03 12.47 -0.70
C SER A 137 2.33 11.14 -0.61
N SER A 138 2.54 10.40 0.49
CA SER A 138 1.92 9.10 0.72
C SER A 138 0.41 9.22 0.79
N LEU A 139 -0.06 10.15 1.62
CA LEU A 139 -1.47 10.37 1.78
C LEU A 139 -2.11 10.69 0.42
N ILE A 140 -1.50 11.60 -0.33
CA ILE A 140 -2.01 11.99 -1.62
C ILE A 140 -1.92 10.83 -2.60
N ARG A 141 -0.88 10.05 -2.47
CA ARG A 141 -0.63 8.91 -3.33
C ARG A 141 -1.75 7.88 -3.12
N ASN A 142 -2.28 7.79 -1.91
CA ASN A 142 -3.34 6.84 -1.62
C ASN A 142 -4.68 7.29 -2.20
N LEU A 143 -4.92 8.59 -2.18
CA LEU A 143 -6.16 9.12 -2.73
C LEU A 143 -6.17 8.87 -4.23
N VAL A 144 -5.00 8.91 -4.84
CA VAL A 144 -4.95 8.69 -6.27
C VAL A 144 -5.29 7.25 -6.54
N GLN A 145 -4.75 6.36 -5.72
CA GLN A 145 -5.03 4.95 -5.90
C GLN A 145 -6.51 4.59 -5.60
N GLU A 146 -7.10 5.30 -4.64
CA GLU A 146 -8.47 5.09 -4.24
C GLU A 146 -9.45 5.89 -5.11
N GLY A 147 -8.90 6.62 -6.08
CA GLY A 147 -9.72 7.41 -6.98
C GLY A 147 -10.44 8.58 -6.34
N ARG A 148 -10.07 8.90 -5.11
CA ARG A 148 -10.67 10.02 -4.36
C ARG A 148 -10.05 11.34 -4.86
N VAL A 149 -10.20 11.59 -6.16
CA VAL A 149 -9.62 12.76 -6.79
C VAL A 149 -10.20 14.10 -6.40
N GLU A 150 -11.36 14.11 -5.78
CA GLU A 150 -11.98 15.37 -5.39
C GLU A 150 -11.43 15.84 -4.05
N GLU A 151 -10.92 14.89 -3.28
CA GLU A 151 -10.35 15.20 -1.97
C GLU A 151 -8.89 15.67 -2.03
N ILE A 152 -8.25 15.50 -3.17
CA ILE A 152 -6.86 15.85 -3.31
C ILE A 152 -6.45 17.33 -3.14
N PRO A 153 -7.03 18.26 -3.89
CA PRO A 153 -6.66 19.67 -3.76
C PRO A 153 -6.41 20.18 -2.34
N ALA A 154 -7.13 19.62 -1.37
CA ALA A 154 -7.00 20.04 0.02
C ALA A 154 -5.62 19.73 0.59
N TYR A 155 -4.96 18.75 -0.02
CA TYR A 155 -3.65 18.31 0.44
C TYR A 155 -2.56 18.67 -0.55
N LEU A 156 -2.90 18.54 -1.82
CA LEU A 156 -1.96 18.81 -2.85
C LEU A 156 -1.83 20.29 -3.20
N GLY A 157 -2.89 21.06 -2.96
CA GLY A 157 -2.86 22.47 -3.31
C GLY A 157 -3.42 22.67 -4.69
N ARG A 158 -3.80 21.59 -5.37
CA ARG A 158 -4.39 21.68 -6.71
C ARG A 158 -4.98 20.31 -7.07
N TYR A 159 -5.44 20.12 -8.31
CA TYR A 159 -5.96 18.80 -8.68
C TYR A 159 -4.79 17.89 -9.08
N PHE A 160 -4.95 16.58 -8.86
CA PHE A 160 -3.91 15.65 -9.23
C PHE A 160 -3.89 15.76 -10.73
N GLU A 161 -2.71 15.63 -11.33
CA GLU A 161 -2.62 15.75 -12.78
C GLU A 161 -1.98 14.55 -13.44
N ILE A 162 -2.45 14.22 -14.64
CA ILE A 162 -1.91 13.11 -15.43
C ILE A 162 -1.34 13.84 -16.63
N GLU A 163 -0.07 13.60 -16.95
CA GLU A 163 0.55 14.26 -18.09
C GLU A 163 1.35 13.30 -18.94
N GLY A 164 1.52 13.63 -20.21
CA GLY A 164 2.28 12.77 -21.09
C GLY A 164 2.23 13.19 -22.55
N ILE A 165 2.76 12.36 -23.44
CA ILE A 165 2.76 12.68 -24.85
C ILE A 165 1.71 11.87 -25.56
N VAL A 166 1.19 12.47 -26.63
CA VAL A 166 0.15 11.88 -27.46
C VAL A 166 -1.21 11.91 -26.79
N PHE A 178 -12.93 7.13 -29.11
CA PHE A 178 -14.11 7.63 -29.80
C PHE A 178 -13.84 8.33 -31.13
N PRO A 179 -12.57 8.57 -31.50
CA PRO A 179 -11.26 8.32 -30.91
C PRO A 179 -10.96 8.88 -29.52
N THR A 180 -9.92 8.31 -28.89
CA THR A 180 -9.44 8.70 -27.58
C THR A 180 -7.94 8.91 -27.74
N ALA A 181 -7.30 9.56 -26.79
CA ALA A 181 -5.86 9.78 -26.89
C ALA A 181 -5.14 8.95 -25.83
N ASN A 182 -4.02 8.34 -26.23
CA ASN A 182 -3.24 7.53 -25.31
C ASN A 182 -2.14 8.36 -24.71
N ILE A 183 -2.26 8.63 -23.41
CA ILE A 183 -1.26 9.44 -22.75
C ILE A 183 -0.11 8.61 -22.21
N ASP A 184 1.02 8.65 -22.89
CA ASP A 184 2.19 7.94 -22.39
C ASP A 184 2.81 8.88 -21.37
N ARG A 185 2.89 8.42 -20.13
CA ARG A 185 3.43 9.21 -19.04
C ARG A 185 4.94 9.08 -18.84
N GLY A 186 5.63 8.28 -19.64
CA GLY A 186 7.06 8.13 -19.46
C GLY A 186 7.48 6.87 -18.73
N ASN A 187 8.79 6.61 -18.69
CA ASN A 187 9.33 5.42 -18.05
C ASN A 187 9.49 5.50 -16.54
N GLU A 188 8.91 6.53 -15.94
CA GLU A 188 9.01 6.73 -14.51
C GLU A 188 7.93 5.96 -13.75
N LYS A 189 8.21 5.55 -12.52
CA LYS A 189 7.21 4.84 -11.75
C LYS A 189 6.26 5.84 -11.10
N LEU A 190 5.20 6.14 -11.82
CA LEU A 190 4.20 7.07 -11.35
C LEU A 190 2.99 6.36 -10.73
N VAL A 191 2.34 7.01 -9.78
CA VAL A 191 1.17 6.44 -9.12
C VAL A 191 0.06 6.33 -10.18
N ASP A 192 -0.79 5.31 -10.05
CA ASP A 192 -1.89 5.09 -10.99
C ASP A 192 -3.24 5.32 -10.32
N LEU A 193 -4.17 5.90 -11.06
CA LEU A 193 -5.52 6.12 -10.55
C LEU A 193 -6.23 4.78 -10.49
N LYS A 194 -7.33 4.73 -9.76
CA LYS A 194 -8.11 3.50 -9.67
C LYS A 194 -8.64 3.26 -11.09
N ARG A 195 -8.67 2.00 -11.52
CA ARG A 195 -9.17 1.68 -12.87
C ARG A 195 -10.54 2.35 -12.99
N GLY A 196 -10.89 2.86 -14.17
CA GLY A 196 -12.19 3.51 -14.25
C GLY A 196 -12.29 4.64 -15.24
N VAL A 197 -13.25 5.53 -14.99
CA VAL A 197 -13.52 6.67 -15.87
C VAL A 197 -13.56 7.96 -15.10
N TYR A 198 -12.92 8.98 -15.65
CA TYR A 198 -12.86 10.27 -14.97
C TYR A 198 -13.23 11.46 -15.82
N LEU A 199 -13.65 12.52 -15.14
CA LEU A 199 -13.94 13.79 -15.79
C LEU A 199 -12.59 14.50 -15.63
N VAL A 200 -11.97 14.94 -16.73
CA VAL A 200 -10.69 15.65 -16.65
C VAL A 200 -10.74 17.00 -17.35
N ARG A 201 -9.85 17.88 -16.92
CA ARG A 201 -9.71 19.20 -17.55
C ARG A 201 -8.46 18.94 -18.36
N VAL A 202 -8.55 19.17 -19.66
CA VAL A 202 -7.45 18.92 -20.58
C VAL A 202 -6.79 20.19 -21.03
N HIS A 203 -5.51 20.39 -20.69
CA HIS A 203 -4.80 21.57 -21.14
C HIS A 203 -4.22 21.22 -22.52
N LEU A 204 -4.63 21.94 -23.55
CA LEU A 204 -4.14 21.66 -24.90
C LEU A 204 -2.82 22.38 -25.17
N PRO A 205 -2.12 21.98 -26.25
CA PRO A 205 -0.83 22.57 -26.63
C PRO A 205 -0.96 23.93 -27.31
N ASP A 206 -1.71 24.83 -26.68
CA ASP A 206 -1.91 26.18 -27.22
C ASP A 206 -2.81 27.00 -26.31
N GLY A 207 -2.63 26.83 -25.00
CA GLY A 207 -3.43 27.56 -24.04
C GLY A 207 -4.89 27.15 -24.04
N LYS A 208 -5.25 26.25 -24.95
CA LYS A 208 -6.62 25.78 -25.04
C LYS A 208 -6.94 24.86 -23.87
N LYS A 209 -8.12 25.05 -23.30
CA LYS A 209 -8.57 24.27 -22.17
C LYS A 209 -9.92 23.64 -22.48
N LYS A 210 -9.95 22.32 -22.51
CA LYS A 210 -11.16 21.57 -22.80
C LYS A 210 -11.43 20.53 -21.73
N PHE A 211 -12.54 19.82 -21.87
CA PHE A 211 -12.93 18.77 -20.93
C PHE A 211 -12.83 17.44 -21.67
N GLY A 212 -12.58 16.37 -20.93
CA GLY A 212 -12.47 15.09 -21.56
C GLY A 212 -12.91 13.99 -20.62
N VAL A 213 -13.14 12.81 -21.17
CA VAL A 213 -13.54 11.70 -20.33
C VAL A 213 -12.32 10.83 -20.45
N MET A 214 -11.83 10.34 -19.31
CA MET A 214 -10.64 9.53 -19.29
C MET A 214 -10.85 8.15 -18.70
N ASN A 215 -10.32 7.15 -19.41
CA ASN A 215 -10.41 5.79 -18.94
C ASN A 215 -9.05 5.31 -18.51
N VAL A 216 -9.01 4.63 -17.37
CA VAL A 216 -7.79 4.09 -16.81
C VAL A 216 -7.98 2.56 -16.69
N GLY A 217 -7.21 1.79 -17.45
CA GLY A 217 -7.35 0.34 -17.38
C GLY A 217 -6.03 -0.39 -17.59
N PHE A 218 -6.06 -1.73 -17.59
CA PHE A 218 -4.87 -2.57 -17.77
C PHE A 218 -4.40 -2.85 -19.20
N ARG A 219 -3.24 -3.51 -19.30
CA ARG A 219 -2.64 -3.86 -20.59
C ARG A 219 -2.77 -2.72 -21.59
N ARG A 226 -1.29 -4.87 -14.59
CA ARG A 226 0.14 -4.77 -14.86
C ARG A 226 0.56 -3.37 -15.32
N ASN A 227 0.03 -2.93 -16.45
CA ASN A 227 0.39 -1.62 -17.00
C ASN A 227 -0.81 -0.73 -17.33
N VAL A 228 -1.24 0.05 -16.34
CA VAL A 228 -2.36 0.96 -16.45
C VAL A 228 -2.26 1.91 -17.64
N LYS A 229 -3.33 2.02 -18.43
CA LYS A 229 -3.35 2.92 -19.58
C LYS A 229 -4.27 4.12 -19.34
N TYR A 230 -3.97 5.23 -20.00
CA TYR A 230 -4.76 6.42 -19.83
C TYR A 230 -5.16 6.95 -21.19
N GLU A 231 -6.45 6.82 -21.51
CA GLU A 231 -7.00 7.27 -22.79
C GLU A 231 -7.97 8.39 -22.50
N VAL A 232 -7.98 9.42 -23.34
CA VAL A 232 -8.90 10.50 -23.09
C VAL A 232 -9.67 10.98 -24.30
N TYR A 233 -10.97 11.15 -24.10
CA TYR A 233 -11.86 11.63 -25.13
C TYR A 233 -12.09 13.10 -24.79
N ILE A 234 -11.50 13.98 -25.58
CA ILE A 234 -11.65 15.39 -25.35
C ILE A 234 -12.99 15.84 -25.91
N LEU A 235 -13.61 16.82 -25.24
CA LEU A 235 -14.91 17.34 -25.64
C LEU A 235 -14.84 18.65 -26.43
N ASP A 236 -15.58 18.72 -27.54
CA ASP A 236 -15.60 19.91 -28.37
C ASP A 236 -14.19 20.14 -28.91
N PHE A 237 -13.61 19.05 -29.41
CA PHE A 237 -12.28 19.07 -29.99
C PHE A 237 -12.25 18.06 -31.12
N GLU A 238 -11.32 18.22 -32.07
CA GLU A 238 -11.27 17.28 -33.16
C GLU A 238 -10.02 17.43 -34.03
N GLY A 239 -8.89 17.76 -33.41
CA GLY A 239 -7.66 17.89 -34.16
C GLY A 239 -6.76 16.69 -33.89
N ASP A 240 -5.65 16.59 -34.63
CA ASP A 240 -4.71 15.48 -34.43
C ASP A 240 -3.71 15.91 -33.37
N LEU A 241 -3.71 15.22 -32.24
CA LEU A 241 -2.80 15.55 -31.16
C LEU A 241 -1.54 14.70 -31.12
N TYR A 242 -1.58 13.58 -31.80
CA TYR A 242 -0.45 12.64 -31.84
C TYR A 242 0.73 13.01 -30.93
N GLY A 243 1.84 13.42 -31.53
CA GLY A 243 3.11 13.37 -30.73
C GLY A 243 3.18 14.61 -29.86
N GLN A 244 2.04 15.15 -29.45
CA GLN A 244 2.02 16.36 -28.61
C GLN A 244 1.83 16.06 -27.13
N ARG A 245 2.32 16.96 -26.26
CA ARG A 245 2.18 16.77 -24.82
C ARG A 245 0.75 17.05 -24.40
N LEU A 246 0.39 16.61 -23.20
CA LEU A 246 -0.96 16.84 -22.71
C LEU A 246 -0.99 16.82 -21.18
N LYS A 247 -1.69 17.79 -20.60
CA LYS A 247 -1.81 17.86 -19.15
C LYS A 247 -3.29 17.74 -18.83
N LEU A 248 -3.64 16.86 -17.90
CA LEU A 248 -5.03 16.67 -17.56
C LEU A 248 -5.28 16.80 -16.07
N GLU A 249 -6.12 17.74 -15.67
CA GLU A 249 -6.44 17.87 -14.26
C GLU A 249 -7.55 16.84 -14.02
N VAL A 250 -7.34 15.93 -13.07
CA VAL A 250 -8.33 14.90 -12.80
C VAL A 250 -9.37 15.40 -11.80
N LEU A 251 -10.49 15.88 -12.34
CA LEU A 251 -11.55 16.48 -11.56
C LEU A 251 -12.46 15.55 -10.74
N LYS A 252 -13.01 14.50 -11.34
CA LYS A 252 -13.87 13.63 -10.56
C LYS A 252 -13.94 12.21 -11.04
N PHE A 253 -14.17 11.30 -10.10
CA PHE A 253 -14.31 9.89 -10.41
C PHE A 253 -15.78 9.66 -10.79
N MET A 254 -16.01 9.25 -12.04
CA MET A 254 -17.37 9.02 -12.48
C MET A 254 -17.88 7.62 -12.13
N ARG A 255 -17.19 6.58 -12.59
CA ARG A 255 -17.62 5.21 -12.33
C ARG A 255 -16.49 4.18 -12.45
N ASP A 256 -16.59 3.10 -11.68
CA ASP A 256 -15.58 2.04 -11.71
C ASP A 256 -15.42 1.44 -13.08
N GLU A 257 -14.31 0.74 -13.27
CA GLU A 257 -14.03 0.10 -14.55
C GLU A 257 -15.16 -0.91 -14.76
N LYS A 258 -15.53 -1.19 -16.01
CA LYS A 258 -16.61 -2.14 -16.31
C LYS A 258 -16.25 -3.17 -17.40
N LYS A 259 -17.10 -4.18 -17.57
CA LYS A 259 -16.88 -5.23 -18.57
C LYS A 259 -16.09 -4.75 -19.77
N GLU A 264 -21.48 -6.03 -27.73
CA GLU A 264 -20.62 -4.85 -27.64
C GLU A 264 -21.45 -3.62 -27.29
N GLU A 265 -21.99 -3.61 -26.07
CA GLU A 265 -22.79 -2.49 -25.59
C GLU A 265 -21.86 -1.40 -25.06
N LEU A 266 -20.59 -1.49 -25.43
CA LEU A 266 -19.58 -0.53 -25.00
C LEU A 266 -20.12 0.89 -25.22
N LYS A 267 -20.21 1.29 -26.49
CA LYS A 267 -20.69 2.62 -26.86
C LYS A 267 -21.81 3.10 -25.93
N ALA A 268 -22.76 2.22 -25.63
CA ALA A 268 -23.87 2.57 -24.77
C ALA A 268 -23.41 3.18 -23.45
N ALA A 269 -22.45 2.53 -22.80
CA ALA A 269 -21.96 3.01 -21.52
C ALA A 269 -20.99 4.15 -21.71
N ILE A 270 -20.14 4.02 -22.72
CA ILE A 270 -19.17 5.07 -22.99
C ILE A 270 -19.87 6.20 -23.71
N ASP A 271 -21.19 6.20 -23.63
CA ASP A 271 -22.00 7.23 -24.27
C ASP A 271 -22.70 7.97 -23.15
N GLN A 272 -23.03 7.25 -22.08
CA GLN A 272 -23.68 7.89 -20.94
C GLN A 272 -22.61 8.65 -20.17
N ASP A 273 -21.37 8.15 -20.23
CA ASP A 273 -20.26 8.82 -19.54
C ASP A 273 -20.18 10.24 -20.07
N VAL A 274 -20.31 10.38 -21.38
CA VAL A 274 -20.24 11.70 -22.00
C VAL A 274 -21.42 12.58 -21.59
N LYS A 275 -22.58 11.97 -21.41
CA LYS A 275 -23.77 12.71 -21.00
C LYS A 275 -23.52 13.16 -19.57
N SER A 276 -23.02 12.23 -18.77
CA SER A 276 -22.68 12.51 -17.40
C SER A 276 -21.66 13.68 -17.39
N ALA A 277 -20.67 13.61 -18.27
CA ALA A 277 -19.66 14.67 -18.37
C ALA A 277 -20.37 15.98 -18.63
N ARG A 278 -21.01 16.10 -19.78
CA ARG A 278 -21.72 17.31 -20.17
C ARG A 278 -22.54 17.86 -19.02
N ASN A 279 -23.16 16.96 -18.27
CA ASN A 279 -24.01 17.38 -17.16
C ASN A 279 -23.23 17.99 -16.03
N MET A 280 -22.16 17.33 -15.61
CA MET A 280 -21.34 17.86 -14.52
C MET A 280 -20.80 19.22 -14.97
N ILE A 281 -20.29 19.24 -16.20
CA ILE A 281 -19.74 20.44 -16.81
C ILE A 281 -20.75 21.56 -16.80
N ASP A 282 -21.96 21.25 -17.27
CA ASP A 282 -23.04 22.22 -17.32
C ASP A 282 -23.38 22.74 -15.90
N ASP A 283 -23.20 21.90 -14.90
CA ASP A 283 -23.47 22.27 -13.52
C ASP A 283 -22.45 23.27 -13.00
N ILE A 284 -21.16 22.99 -13.24
CA ILE A 284 -20.11 23.90 -12.81
C ILE A 284 -20.38 25.29 -13.35
N ILE A 285 -20.78 25.32 -14.61
CA ILE A 285 -21.09 26.57 -15.27
C ILE A 285 -22.26 27.27 -14.58
N ASN A 286 -23.36 26.54 -14.39
CA ASN A 286 -24.54 27.13 -13.74
C ASN A 286 -24.18 27.89 -12.47
N SER A 287 -23.28 27.32 -11.67
CA SER A 287 -22.84 27.98 -10.44
C SER A 287 -21.97 29.15 -10.92
N LYS A 288 -22.63 30.17 -11.48
CA LYS A 288 -21.95 31.34 -12.02
C LYS A 288 -20.68 31.72 -11.27
N VAL B 2 -20.54 -20.53 -9.88
CA VAL B 2 -19.54 -21.42 -9.29
C VAL B 2 -19.15 -20.98 -7.89
N VAL B 3 -19.01 -21.97 -7.02
CA VAL B 3 -18.70 -21.76 -5.64
C VAL B 3 -17.36 -22.30 -5.17
N SER B 4 -16.70 -21.56 -4.30
CA SER B 4 -15.46 -22.08 -3.76
C SER B 4 -15.74 -22.23 -2.28
N ILE B 5 -15.17 -23.24 -1.64
CA ILE B 5 -15.45 -23.46 -0.23
C ILE B 5 -14.22 -23.86 0.53
N GLY B 6 -14.06 -23.28 1.70
CA GLY B 6 -12.94 -23.59 2.57
C GLY B 6 -12.81 -22.58 3.71
N VAL B 7 -11.83 -22.78 4.56
CA VAL B 7 -11.56 -21.84 5.64
C VAL B 7 -10.72 -20.69 5.05
N PHE B 8 -9.64 -21.03 4.37
CA PHE B 8 -8.80 -20.03 3.74
C PHE B 8 -8.14 -19.15 4.79
N ASP B 9 -7.72 -19.71 5.92
CA ASP B 9 -7.05 -18.89 6.92
C ASP B 9 -5.73 -18.38 6.29
N GLY B 10 -5.60 -17.06 6.14
CA GLY B 10 -4.40 -16.50 5.57
C GLY B 10 -4.43 -16.23 4.09
N VAL B 11 -5.35 -16.84 3.36
CA VAL B 11 -5.39 -16.69 1.90
C VAL B 11 -3.95 -16.80 1.33
N HIS B 12 -3.33 -17.94 1.62
CA HIS B 12 -1.98 -18.24 1.15
C HIS B 12 -2.04 -18.57 -0.34
N ILE B 13 -0.91 -18.91 -0.96
CA ILE B 13 -0.98 -19.16 -2.40
C ILE B 13 -1.80 -20.37 -2.82
N GLY B 14 -1.93 -21.35 -1.94
CA GLY B 14 -2.77 -22.50 -2.26
C GLY B 14 -4.22 -22.00 -2.33
N HIS B 15 -4.68 -21.30 -1.29
CA HIS B 15 -6.04 -20.75 -1.31
C HIS B 15 -6.20 -19.97 -2.56
N GLN B 16 -5.20 -19.15 -2.87
CA GLN B 16 -5.30 -18.33 -4.09
C GLN B 16 -5.44 -19.16 -5.38
N LYS B 17 -4.86 -20.36 -5.39
CA LYS B 17 -5.00 -21.20 -6.56
C LYS B 17 -6.49 -21.65 -6.61
N VAL B 18 -7.05 -22.01 -5.45
CA VAL B 18 -8.47 -22.41 -5.39
C VAL B 18 -9.35 -21.29 -5.97
N LEU B 19 -9.22 -20.10 -5.40
CA LEU B 19 -9.99 -18.94 -5.80
C LEU B 19 -9.87 -18.56 -7.27
N ARG B 20 -8.65 -18.50 -7.79
CA ARG B 20 -8.47 -18.15 -9.21
C ARG B 20 -9.11 -19.19 -10.12
N THR B 21 -9.01 -20.45 -9.73
CA THR B 21 -9.62 -21.52 -10.50
C THR B 21 -11.12 -21.25 -10.60
N MET B 22 -11.72 -20.94 -9.45
CA MET B 22 -13.15 -20.61 -9.41
C MET B 22 -13.48 -19.50 -10.39
N LYS B 23 -12.68 -18.44 -10.39
CA LYS B 23 -12.92 -17.31 -11.30
C LYS B 23 -12.75 -17.72 -12.76
N GLU B 24 -11.81 -18.62 -13.03
CA GLU B 24 -11.62 -19.06 -14.40
C GLU B 24 -12.85 -19.86 -14.83
N ILE B 25 -13.33 -20.74 -13.96
CA ILE B 25 -14.54 -21.51 -14.28
C ILE B 25 -15.75 -20.56 -14.42
N ALA B 26 -15.89 -19.57 -13.53
CA ALA B 26 -17.00 -18.62 -13.61
C ALA B 26 -16.92 -17.90 -14.95
N PHE B 27 -15.72 -17.52 -15.34
CA PHE B 27 -15.59 -16.84 -16.61
C PHE B 27 -15.99 -17.80 -17.74
N PHE B 28 -15.47 -19.02 -17.70
CA PHE B 28 -15.77 -20.02 -18.73
C PHE B 28 -17.27 -20.26 -18.90
N ARG B 29 -18.00 -20.32 -17.79
CA ARG B 29 -19.44 -20.56 -17.81
C ARG B 29 -20.35 -19.34 -17.86
N LYS B 30 -19.76 -18.14 -17.92
CA LYS B 30 -20.55 -16.90 -17.94
C LYS B 30 -21.46 -16.88 -16.72
N ASP B 31 -20.92 -17.32 -15.60
CA ASP B 31 -21.66 -17.39 -14.33
C ASP B 31 -21.00 -16.51 -13.27
N ASP B 32 -21.62 -16.46 -12.09
CA ASP B 32 -21.10 -15.68 -10.98
C ASP B 32 -20.29 -16.56 -10.02
N SER B 33 -19.45 -15.93 -9.18
CA SER B 33 -18.65 -16.68 -8.22
C SER B 33 -19.17 -16.37 -6.82
N LEU B 34 -18.96 -17.29 -5.90
CA LEU B 34 -19.42 -17.09 -4.55
C LEU B 34 -18.44 -17.87 -3.74
N ILE B 35 -17.96 -17.27 -2.67
CA ILE B 35 -17.00 -17.94 -1.81
C ILE B 35 -17.65 -18.15 -0.48
N TYR B 36 -17.54 -19.38 0.03
CA TYR B 36 -18.03 -19.77 1.32
C TYR B 36 -16.82 -20.03 2.17
N THR B 37 -16.60 -19.21 3.18
CA THR B 37 -15.45 -19.44 4.02
C THR B 37 -16.00 -19.87 5.35
N ILE B 38 -15.51 -21.01 5.82
CA ILE B 38 -15.93 -21.52 7.09
C ILE B 38 -15.16 -20.73 8.13
N SER B 39 -15.90 -20.19 9.09
CA SER B 39 -15.33 -19.39 10.15
C SER B 39 -14.06 -19.98 10.73
N TYR B 40 -14.15 -21.21 11.23
CA TYR B 40 -13.02 -21.86 11.86
C TYR B 40 -12.78 -23.31 11.44
N PRO B 41 -11.52 -23.76 11.54
CA PRO B 41 -11.26 -25.15 11.17
C PRO B 41 -11.62 -25.84 12.47
N PRO B 42 -11.93 -27.14 12.45
CA PRO B 42 -12.29 -27.86 13.67
C PRO B 42 -11.21 -27.84 14.73
N GLU B 43 -9.96 -27.67 14.30
CA GLU B 43 -8.83 -27.64 15.23
C GLU B 43 -8.89 -26.42 16.14
N TYR B 44 -9.51 -25.36 15.66
CA TYR B 44 -9.64 -24.13 16.44
C TYR B 44 -10.31 -24.38 17.79
N PHE B 45 -11.08 -25.46 17.90
CA PHE B 45 -11.79 -25.79 19.13
C PHE B 45 -11.19 -27.01 19.82
N LEU B 46 -10.00 -27.40 19.39
CA LEU B 46 -9.35 -28.56 19.97
C LEU B 46 -8.04 -28.20 20.65
N PRO B 47 -7.55 -29.10 21.51
CA PRO B 47 -6.30 -28.87 22.24
C PRO B 47 -5.13 -28.32 21.40
N ASP B 48 -4.38 -27.40 21.99
CA ASP B 48 -3.18 -26.85 21.37
C ASP B 48 -3.29 -26.23 19.99
N PHE B 49 -4.31 -25.44 19.76
CA PHE B 49 -4.45 -24.81 18.45
C PHE B 49 -3.52 -23.60 18.34
N PRO B 50 -2.54 -23.64 17.44
CA PRO B 50 -1.64 -22.49 17.33
C PRO B 50 -2.36 -21.15 17.23
N GLY B 51 -3.53 -21.15 16.58
CA GLY B 51 -4.29 -19.92 16.40
C GLY B 51 -4.35 -19.55 14.93
N LEU B 52 -5.29 -18.69 14.56
CA LEU B 52 -5.38 -18.30 13.16
C LEU B 52 -4.23 -17.36 12.81
N LEU B 53 -4.06 -17.13 11.52
CA LEU B 53 -3.02 -16.29 10.96
C LEU B 53 -3.52 -14.87 10.83
N MET B 54 -4.83 -14.73 10.95
CA MET B 54 -5.49 -13.44 10.82
C MET B 54 -6.93 -13.61 11.26
N THR B 55 -7.62 -12.49 11.46
CA THR B 55 -9.02 -12.52 11.88
C THR B 55 -9.94 -12.85 10.70
N VAL B 56 -11.12 -13.36 11.02
CA VAL B 56 -12.08 -13.69 9.97
C VAL B 56 -12.28 -12.41 9.17
N GLU B 57 -12.36 -11.31 9.90
CA GLU B 57 -12.58 -9.98 9.33
C GLU B 57 -11.49 -9.64 8.28
N SER B 58 -10.23 -9.89 8.61
CA SER B 58 -9.16 -9.59 7.64
C SER B 58 -9.30 -10.54 6.47
N ARG B 59 -9.51 -11.82 6.80
CA ARG B 59 -9.68 -12.88 5.80
C ARG B 59 -10.76 -12.54 4.80
N VAL B 60 -11.93 -12.13 5.29
CA VAL B 60 -13.03 -11.81 4.39
C VAL B 60 -12.69 -10.61 3.52
N GLU B 61 -11.89 -9.71 4.05
CA GLU B 61 -11.48 -8.54 3.28
C GLU B 61 -10.63 -9.06 2.08
N MET B 62 -9.68 -9.96 2.32
CA MET B 62 -8.88 -10.44 1.20
C MET B 62 -9.74 -11.23 0.22
N LEU B 63 -10.52 -12.15 0.77
CA LEU B 63 -11.39 -12.99 -0.03
C LEU B 63 -12.32 -12.18 -0.89
N SER B 64 -12.89 -11.14 -0.28
CA SER B 64 -13.84 -10.31 -1.01
C SER B 64 -13.32 -9.67 -2.28
N ARG B 65 -12.00 -9.57 -2.41
CA ARG B 65 -11.47 -8.99 -3.63
C ARG B 65 -11.58 -9.97 -4.82
N TYR B 66 -11.72 -11.27 -4.54
CA TYR B 66 -11.92 -12.26 -5.61
C TYR B 66 -13.43 -12.37 -5.93
N ALA B 67 -14.27 -12.37 -4.89
CA ALA B 67 -15.70 -12.45 -5.14
C ALA B 67 -16.59 -12.35 -3.91
N ARG B 68 -17.88 -12.09 -4.17
CA ARG B 68 -18.90 -12.04 -3.12
C ARG B 68 -18.57 -13.14 -2.14
N THR B 69 -18.41 -12.78 -0.88
CA THR B 69 -18.03 -13.70 0.17
C THR B 69 -19.10 -13.83 1.25
N VAL B 70 -19.20 -15.02 1.83
CA VAL B 70 -20.19 -15.27 2.84
C VAL B 70 -19.59 -16.17 3.88
N VAL B 71 -19.69 -15.79 5.15
CA VAL B 71 -19.12 -16.60 6.20
C VAL B 71 -20.08 -17.65 6.70
N LEU B 72 -19.58 -18.83 6.99
CA LEU B 72 -20.42 -19.90 7.48
C LEU B 72 -19.94 -20.31 8.82
N ASP B 73 -20.79 -20.17 9.83
CA ASP B 73 -20.46 -20.55 11.20
C ASP B 73 -20.14 -22.03 11.28
N PHE B 74 -18.92 -22.37 11.68
CA PHE B 74 -18.52 -23.78 11.79
C PHE B 74 -19.49 -24.53 12.68
N PHE B 75 -20.05 -23.83 13.65
CA PHE B 75 -21.01 -24.45 14.56
C PHE B 75 -22.39 -24.54 13.95
N ARG B 76 -22.71 -23.66 13.02
CA ARG B 76 -24.02 -23.72 12.39
C ARG B 76 -24.00 -24.69 11.24
N ILE B 77 -22.88 -25.39 11.03
CA ILE B 77 -22.82 -26.34 9.91
C ILE B 77 -22.15 -27.66 10.20
N LYS B 78 -21.43 -27.76 11.31
CA LYS B 78 -20.74 -29.01 11.61
C LYS B 78 -21.77 -30.07 12.00
N ASP B 79 -22.93 -29.60 12.45
CA ASP B 79 -23.99 -30.49 12.88
C ASP B 79 -24.89 -30.89 11.72
N LEU B 80 -24.94 -30.05 10.68
CA LEU B 80 -25.77 -30.35 9.51
C LEU B 80 -25.37 -31.65 8.90
N THR B 81 -26.30 -32.31 8.22
CA THR B 81 -25.99 -33.56 7.55
C THR B 81 -25.45 -33.07 6.22
N PRO B 82 -24.77 -33.94 5.46
CA PRO B 82 -24.26 -33.48 4.18
C PRO B 82 -25.42 -32.92 3.36
N GLU B 83 -26.47 -33.71 3.21
CA GLU B 83 -27.66 -33.30 2.44
C GLU B 83 -28.08 -31.90 2.83
N GLY B 84 -28.23 -31.69 4.14
CA GLY B 84 -28.63 -30.40 4.68
C GLY B 84 -27.79 -29.26 4.14
N PHE B 85 -26.48 -29.44 4.21
CA PHE B 85 -25.49 -28.47 3.74
C PHE B 85 -25.78 -28.14 2.30
N VAL B 86 -25.83 -29.17 1.45
CA VAL B 86 -26.12 -28.96 0.03
C VAL B 86 -27.47 -28.30 -0.07
N GLU B 87 -28.39 -28.71 0.80
CA GLU B 87 -29.72 -28.14 0.73
C GLU B 87 -29.77 -26.68 1.12
N ARG B 88 -28.97 -26.29 2.10
CA ARG B 88 -28.99 -24.91 2.53
C ARG B 88 -28.09 -23.94 1.77
N TYR B 89 -26.98 -24.43 1.23
CA TYR B 89 -25.99 -23.57 0.57
C TYR B 89 -25.71 -23.74 -0.91
N LEU B 90 -25.95 -24.94 -1.44
CA LEU B 90 -25.65 -25.22 -2.83
C LEU B 90 -26.74 -25.34 -3.89
N SER B 91 -27.96 -24.89 -3.64
CA SER B 91 -28.96 -25.04 -4.69
C SER B 91 -28.58 -24.24 -5.92
N GLY B 92 -28.79 -24.83 -7.08
CA GLY B 92 -28.50 -24.14 -8.32
C GLY B 92 -27.04 -24.13 -8.72
N VAL B 93 -26.20 -24.55 -7.81
CA VAL B 93 -24.77 -24.55 -8.04
C VAL B 93 -24.24 -25.82 -8.75
N SER B 94 -23.71 -25.66 -9.96
CA SER B 94 -23.21 -26.82 -10.70
C SER B 94 -21.72 -27.08 -10.56
N ALA B 95 -21.00 -26.17 -9.90
CA ALA B 95 -19.55 -26.34 -9.70
C ALA B 95 -19.01 -25.74 -8.43
N VAL B 96 -18.26 -26.56 -7.72
CA VAL B 96 -17.60 -26.18 -6.51
C VAL B 96 -16.09 -26.44 -6.67
N VAL B 97 -15.29 -25.54 -6.09
CA VAL B 97 -13.84 -25.65 -6.13
C VAL B 97 -13.40 -25.63 -4.70
N VAL B 98 -12.73 -26.70 -4.24
CA VAL B 98 -12.24 -26.76 -2.89
C VAL B 98 -10.81 -27.27 -2.92
N GLY B 99 -10.12 -27.17 -1.78
CA GLY B 99 -8.76 -27.66 -1.71
C GLY B 99 -8.79 -29.16 -1.53
N ARG B 100 -7.75 -29.71 -0.90
CA ARG B 100 -7.69 -31.17 -0.67
C ARG B 100 -8.16 -31.49 0.74
N ASP B 101 -8.65 -32.71 0.93
CA ASP B 101 -9.15 -33.11 2.24
C ASP B 101 -10.37 -32.27 2.64
N PHE B 102 -11.14 -31.85 1.64
CA PHE B 102 -12.33 -31.04 1.93
C PHE B 102 -13.38 -31.82 2.73
N ARG B 103 -13.90 -31.21 3.78
CA ARG B 103 -14.92 -31.86 4.61
C ARG B 103 -15.98 -30.90 5.06
N PHE B 104 -17.16 -31.45 5.35
CA PHE B 104 -18.27 -30.65 5.83
C PHE B 104 -19.35 -31.57 6.37
N GLY B 105 -20.17 -31.02 7.26
CA GLY B 105 -21.26 -31.79 7.82
C GLY B 105 -20.97 -32.59 9.06
N LYS B 106 -22.01 -33.24 9.57
CA LYS B 106 -21.92 -34.05 10.76
C LYS B 106 -20.77 -35.04 10.62
N ASN B 107 -19.89 -35.06 11.61
CA ASN B 107 -18.76 -35.99 11.62
C ASN B 107 -17.91 -35.96 10.33
N ALA B 108 -17.81 -34.79 9.71
CA ALA B 108 -17.01 -34.66 8.49
C ALA B 108 -17.36 -35.72 7.46
N SER B 109 -18.63 -36.12 7.42
CA SER B 109 -19.07 -37.14 6.47
C SER B 109 -19.25 -36.60 5.06
N GLY B 110 -19.37 -35.29 4.93
CA GLY B 110 -19.53 -34.74 3.59
C GLY B 110 -18.22 -34.55 2.86
N ASN B 111 -18.19 -34.85 1.57
CA ASN B 111 -16.98 -34.65 0.79
C ASN B 111 -17.28 -34.37 -0.66
N ALA B 112 -16.22 -34.17 -1.44
CA ALA B 112 -16.35 -33.88 -2.86
C ALA B 112 -17.15 -34.99 -3.53
N SER B 113 -16.96 -36.22 -3.06
CA SER B 113 -17.69 -37.36 -3.60
C SER B 113 -19.19 -37.18 -3.38
N PHE B 114 -19.58 -36.87 -2.15
CA PHE B 114 -21.00 -36.66 -1.86
C PHE B 114 -21.56 -35.57 -2.77
N LEU B 115 -20.74 -34.55 -3.03
CA LEU B 115 -21.12 -33.43 -3.87
C LEU B 115 -21.15 -33.79 -5.37
N ARG B 116 -20.24 -34.62 -5.84
CA ARG B 116 -20.24 -34.97 -7.27
C ARG B 116 -21.45 -35.86 -7.56
N LYS B 117 -21.81 -36.67 -6.56
CA LYS B 117 -22.94 -37.61 -6.67
C LYS B 117 -24.30 -36.92 -6.52
N LYS B 118 -24.29 -35.60 -6.49
CA LYS B 118 -25.51 -34.81 -6.38
C LYS B 118 -25.63 -33.93 -7.61
N GLY B 119 -24.86 -34.25 -8.65
CA GLY B 119 -24.90 -33.47 -9.87
C GLY B 119 -23.95 -32.28 -9.87
N VAL B 120 -23.42 -31.98 -8.69
CA VAL B 120 -22.49 -30.87 -8.49
C VAL B 120 -21.06 -31.31 -8.83
N GLU B 121 -20.48 -30.75 -9.89
CA GLU B 121 -19.10 -31.09 -10.25
C GLU B 121 -18.15 -30.49 -9.20
N VAL B 122 -17.16 -31.25 -8.77
CA VAL B 122 -16.25 -30.73 -7.79
C VAL B 122 -14.82 -30.85 -8.26
N TYR B 123 -14.09 -29.73 -8.20
CA TYR B 123 -12.70 -29.67 -8.58
C TYR B 123 -11.79 -29.46 -7.39
N GLU B 124 -11.12 -30.54 -6.98
CA GLU B 124 -10.20 -30.44 -5.88
C GLU B 124 -8.86 -29.98 -6.43
N ILE B 125 -8.33 -28.94 -5.82
CA ILE B 125 -7.06 -28.37 -6.24
C ILE B 125 -5.95 -28.99 -5.41
N GLU B 126 -4.94 -29.52 -6.09
CA GLU B 126 -3.81 -30.13 -5.39
C GLU B 126 -3.07 -29.04 -4.64
N ASP B 127 -2.64 -29.35 -3.44
CA ASP B 127 -1.91 -28.37 -2.67
C ASP B 127 -0.72 -27.82 -3.46
N VAL B 128 -0.36 -26.57 -3.20
CA VAL B 128 0.78 -26.00 -3.89
C VAL B 128 2.05 -26.43 -3.18
N VAL B 129 3.10 -26.70 -3.94
CA VAL B 129 4.33 -27.12 -3.32
C VAL B 129 5.36 -26.03 -3.52
N VAL B 130 6.00 -25.68 -2.42
CA VAL B 130 7.01 -24.65 -2.44
C VAL B 130 8.19 -25.14 -1.64
N GLN B 131 9.32 -25.30 -2.32
CA GLN B 131 10.52 -25.76 -1.66
C GLN B 131 10.25 -27.14 -1.11
N GLY B 132 9.66 -27.99 -1.95
CA GLY B 132 9.37 -29.35 -1.55
C GLY B 132 8.31 -29.57 -0.48
N LYS B 133 7.65 -28.51 -0.03
CA LYS B 133 6.61 -28.66 0.99
C LYS B 133 5.25 -28.17 0.48
N ARG B 134 4.17 -28.79 0.97
CA ARG B 134 2.79 -28.42 0.58
C ARG B 134 2.32 -27.22 1.39
N VAL B 135 2.01 -26.14 0.68
CA VAL B 135 1.53 -24.91 1.30
C VAL B 135 0.26 -25.16 2.11
N SER B 136 0.27 -24.79 3.38
CA SER B 136 -0.92 -24.97 4.20
C SER B 136 -0.94 -23.93 5.32
N SER B 137 -2.13 -23.60 5.82
CA SER B 137 -2.22 -22.62 6.88
C SER B 137 -1.41 -23.13 8.05
N SER B 138 -1.60 -24.39 8.35
CA SER B 138 -0.90 -25.04 9.45
C SER B 138 0.63 -24.91 9.35
N LEU B 139 1.17 -25.02 8.15
CA LEU B 139 2.62 -24.90 7.99
C LEU B 139 3.08 -23.46 8.28
N ILE B 140 2.33 -22.50 7.77
CA ILE B 140 2.63 -21.08 7.97
C ILE B 140 2.52 -20.73 9.44
N ARG B 141 1.48 -21.22 10.11
CA ARG B 141 1.31 -20.92 11.53
C ARG B 141 2.55 -21.34 12.29
N ASN B 142 3.15 -22.44 11.86
CA ASN B 142 4.34 -22.98 12.49
C ASN B 142 5.57 -22.11 12.26
N LEU B 143 5.71 -21.54 11.06
CA LEU B 143 6.84 -20.65 10.78
C LEU B 143 6.72 -19.44 11.70
N VAL B 144 5.54 -18.84 11.73
CA VAL B 144 5.32 -17.69 12.59
C VAL B 144 5.78 -18.07 13.99
N GLN B 145 5.38 -19.25 14.43
CA GLN B 145 5.75 -19.75 15.76
C GLN B 145 7.25 -19.87 15.98
N GLU B 146 7.98 -20.25 14.92
CA GLU B 146 9.40 -20.40 15.00
C GLU B 146 10.06 -19.09 14.60
N GLY B 147 9.24 -18.06 14.40
CA GLY B 147 9.77 -16.78 14.02
C GLY B 147 10.43 -16.80 12.64
N ARG B 148 10.38 -17.94 11.95
CA ARG B 148 10.98 -18.05 10.62
C ARG B 148 10.23 -17.20 9.59
N VAL B 149 9.96 -15.95 9.98
CA VAL B 149 9.22 -15.01 9.15
C VAL B 149 9.74 -14.70 7.78
N GLU B 150 11.01 -14.97 7.53
CA GLU B 150 11.55 -14.64 6.20
C GLU B 150 11.17 -15.67 5.15
N GLU B 151 10.86 -16.87 5.60
CA GLU B 151 10.50 -17.95 4.70
C GLU B 151 9.00 -17.96 4.47
N ILE B 152 8.27 -17.12 5.18
CA ILE B 152 6.81 -17.09 5.04
C ILE B 152 6.25 -16.69 3.67
N PRO B 153 6.68 -15.56 3.08
CA PRO B 153 6.17 -15.14 1.77
C PRO B 153 6.16 -16.19 0.66
N ALA B 154 7.10 -17.12 0.66
CA ALA B 154 7.08 -18.13 -0.40
C ALA B 154 5.82 -19.02 -0.24
N TYR B 155 5.30 -19.08 0.98
CA TYR B 155 4.11 -19.86 1.27
C TYR B 155 2.84 -18.99 1.31
N LEU B 156 2.90 -17.91 2.09
CA LEU B 156 1.77 -17.01 2.25
C LEU B 156 1.53 -16.10 1.06
N GLY B 157 2.57 -15.81 0.30
CA GLY B 157 2.40 -14.93 -0.85
C GLY B 157 2.65 -13.48 -0.48
N ARG B 158 3.02 -13.27 0.78
CA ARG B 158 3.29 -11.93 1.27
C ARG B 158 3.89 -12.13 2.64
N TYR B 159 4.23 -11.05 3.32
CA TYR B 159 4.78 -11.15 4.67
C TYR B 159 3.64 -11.32 5.63
N PHE B 160 3.93 -11.97 6.75
CA PHE B 160 2.96 -12.20 7.78
C PHE B 160 2.60 -10.85 8.42
N GLU B 161 1.35 -10.69 8.82
CA GLU B 161 0.95 -9.42 9.40
C GLU B 161 0.41 -9.49 10.81
N ILE B 162 0.77 -8.48 11.59
CA ILE B 162 0.28 -8.31 12.94
C ILE B 162 -0.60 -7.08 12.71
N GLU B 163 -1.85 -7.15 13.10
CA GLU B 163 -2.78 -6.04 12.86
C GLU B 163 -3.50 -5.76 14.16
N GLY B 164 -3.91 -4.51 14.36
CA GLY B 164 -4.59 -4.19 15.60
C GLY B 164 -4.91 -2.73 15.83
N ILE B 165 -5.34 -2.44 17.06
CA ILE B 165 -5.65 -1.07 17.45
C ILE B 165 -4.54 -0.63 18.38
N VAL B 166 -3.98 0.56 18.17
CA VAL B 166 -2.91 1.04 19.04
C VAL B 166 -3.50 1.22 20.44
N HIS B 167 -3.00 0.44 21.39
CA HIS B 167 -3.47 0.45 22.77
C HIS B 167 -2.76 1.50 23.63
N PHE B 178 12.58 4.55 22.62
CA PHE B 178 11.65 5.54 23.14
C PHE B 178 10.17 5.05 23.01
N PRO B 179 9.21 5.94 22.71
CA PRO B 179 7.82 5.43 22.60
C PRO B 179 7.61 4.20 21.72
N THR B 180 6.73 3.31 22.18
CA THR B 180 6.38 2.11 21.42
C THR B 180 4.86 1.95 21.37
N ALA B 181 4.34 1.81 20.16
CA ALA B 181 2.90 1.66 19.99
C ALA B 181 2.50 0.22 20.35
N ASN B 182 1.52 0.09 21.23
CA ASN B 182 1.01 -1.24 21.63
C ASN B 182 -0.11 -1.69 20.71
N ILE B 183 0.06 -2.86 20.10
CA ILE B 183 -0.95 -3.37 19.17
C ILE B 183 -1.85 -4.37 19.89
N ASP B 184 -3.16 -4.12 19.84
CA ASP B 184 -4.17 -5.02 20.42
C ASP B 184 -4.69 -5.77 19.21
N ARG B 185 -4.35 -7.05 19.08
CA ARG B 185 -4.82 -7.82 17.92
C ARG B 185 -6.31 -8.18 17.89
N GLY B 186 -7.01 -7.95 19.00
CA GLY B 186 -8.44 -8.26 19.06
C GLY B 186 -8.62 -9.50 19.92
N ASN B 187 -9.85 -9.98 20.08
CA ASN B 187 -10.07 -11.16 20.93
C ASN B 187 -9.99 -12.53 20.24
N GLU B 188 -9.81 -12.52 18.93
CA GLU B 188 -9.71 -13.74 18.14
C GLU B 188 -8.49 -14.56 18.57
N LYS B 189 -8.51 -15.86 18.35
CA LYS B 189 -7.38 -16.71 18.72
C LYS B 189 -6.37 -16.70 17.57
N LEU B 190 -5.31 -15.90 17.72
CA LEU B 190 -4.31 -15.76 16.68
C LEU B 190 -2.94 -16.43 16.92
N VAL B 191 -2.31 -16.94 15.87
CA VAL B 191 -1.01 -17.57 16.07
C VAL B 191 -0.04 -16.48 16.58
N ASP B 192 0.81 -16.84 17.53
CA ASP B 192 1.77 -15.90 18.09
C ASP B 192 3.18 -16.09 17.57
N LEU B 193 3.84 -14.96 17.28
CA LEU B 193 5.22 -14.98 16.78
C LEU B 193 6.13 -15.42 17.90
N LYS B 194 7.27 -16.01 17.54
CA LYS B 194 8.28 -16.42 18.51
C LYS B 194 8.74 -15.14 19.21
N ARG B 195 8.57 -15.07 20.53
CA ARG B 195 8.97 -13.87 21.29
C ARG B 195 10.37 -13.41 20.87
N GLY B 196 10.56 -12.10 20.80
CA GLY B 196 11.84 -11.57 20.38
C GLY B 196 11.69 -10.21 19.74
N VAL B 197 12.64 -9.85 18.88
CA VAL B 197 12.65 -8.55 18.22
C VAL B 197 12.68 -8.71 16.71
N TYR B 198 11.76 -8.00 16.06
CA TYR B 198 11.60 -8.08 14.60
C TYR B 198 11.65 -6.71 13.94
N LEU B 199 12.10 -6.69 12.68
CA LEU B 199 12.07 -5.46 11.90
C LEU B 199 10.74 -5.54 11.14
N VAL B 200 9.91 -4.51 11.20
CA VAL B 200 8.62 -4.52 10.52
C VAL B 200 8.39 -3.38 9.56
N ARG B 201 7.41 -3.52 8.69
CA ARG B 201 7.03 -2.44 7.79
C ARG B 201 5.68 -2.02 8.37
N VAL B 202 5.62 -0.82 8.91
CA VAL B 202 4.42 -0.29 9.53
C VAL B 202 3.58 0.48 8.53
N HIS B 203 2.34 0.03 8.34
CA HIS B 203 1.42 0.71 7.46
C HIS B 203 0.58 1.61 8.39
N LEU B 204 0.78 2.91 8.33
CA LEU B 204 0.02 3.83 9.19
C LEU B 204 -1.32 4.14 8.56
N PRO B 205 -2.23 4.75 9.33
CA PRO B 205 -3.58 5.12 8.86
C PRO B 205 -3.54 5.95 7.58
N ASP B 206 -2.78 7.05 7.60
CA ASP B 206 -2.66 7.94 6.45
C ASP B 206 -2.61 7.14 5.17
N GLY B 207 -1.67 6.20 5.15
CA GLY B 207 -1.44 5.36 3.99
C GLY B 207 0.06 5.45 3.83
N LYS B 208 0.69 5.91 4.90
CA LYS B 208 2.11 6.09 4.99
C LYS B 208 2.76 4.79 5.46
N LYS B 209 3.97 4.52 4.96
CA LYS B 209 4.71 3.35 5.37
C LYS B 209 6.08 3.70 5.93
N LYS B 210 6.33 3.24 7.16
CA LYS B 210 7.61 3.48 7.82
C LYS B 210 8.09 2.10 8.18
N PHE B 211 9.24 2.00 8.84
CA PHE B 211 9.76 0.73 9.28
C PHE B 211 9.70 0.82 10.78
N GLY B 212 9.72 -0.33 11.47
CA GLY B 212 9.66 -0.30 12.91
C GLY B 212 10.46 -1.44 13.44
N VAL B 213 10.66 -1.44 14.74
CA VAL B 213 11.37 -2.50 15.41
C VAL B 213 10.28 -2.99 16.34
N MET B 214 9.87 -4.25 16.16
CA MET B 214 8.78 -4.78 16.96
C MET B 214 9.28 -5.74 17.98
N ASN B 215 8.71 -5.64 19.16
CA ASN B 215 9.09 -6.56 20.22
C ASN B 215 7.90 -7.41 20.60
N VAL B 216 8.16 -8.71 20.68
CA VAL B 216 7.18 -9.72 21.02
C VAL B 216 7.65 -10.31 22.35
N GLY B 217 6.87 -10.09 23.40
CA GLY B 217 7.25 -10.58 24.71
C GLY B 217 6.36 -11.63 25.31
N PHE B 218 6.83 -12.22 26.41
CA PHE B 218 6.12 -13.28 27.14
C PHE B 218 6.12 -14.58 26.34
N ASN B 227 -0.84 -13.79 28.13
CA ASN B 227 -0.86 -13.74 26.67
C ASN B 227 0.46 -13.20 26.11
N VAL B 228 0.48 -12.85 24.82
CA VAL B 228 1.71 -12.31 24.22
C VAL B 228 1.57 -10.83 23.87
N LYS B 229 2.64 -10.08 24.11
CA LYS B 229 2.64 -8.64 23.87
C LYS B 229 3.34 -8.24 22.58
N TYR B 230 2.70 -7.37 21.81
CA TYR B 230 3.27 -6.89 20.55
C TYR B 230 3.49 -5.40 20.69
N GLU B 231 4.75 -5.00 20.68
CA GLU B 231 5.15 -3.60 20.85
C GLU B 231 5.96 -3.13 19.67
N VAL B 232 5.61 -1.96 19.12
CA VAL B 232 6.38 -1.46 17.98
C VAL B 232 6.85 -0.03 18.10
N TYR B 233 8.14 0.18 17.82
CA TYR B 233 8.73 1.51 17.83
C TYR B 233 8.90 1.85 16.37
N ILE B 234 8.15 2.83 15.92
CA ILE B 234 8.20 3.24 14.53
C ILE B 234 9.34 4.24 14.29
N LEU B 235 10.18 3.95 13.30
CA LEU B 235 11.32 4.81 13.00
C LEU B 235 10.96 6.09 12.26
N ASP B 236 11.70 7.15 12.58
CA ASP B 236 11.49 8.42 11.91
C ASP B 236 10.02 8.80 11.90
N PHE B 237 9.38 8.63 13.04
CA PHE B 237 7.98 8.95 13.21
C PHE B 237 7.71 9.66 14.53
N GLU B 238 6.75 10.58 14.51
CA GLU B 238 6.33 11.33 15.69
C GLU B 238 4.82 11.47 15.55
N GLY B 239 4.06 11.13 16.60
CA GLY B 239 2.62 11.27 16.52
C GLY B 239 1.89 10.35 17.47
N ASP B 240 0.68 10.73 17.87
CA ASP B 240 -0.10 9.88 18.78
C ASP B 240 -0.93 8.97 17.90
N LEU B 241 -0.98 7.69 18.25
CA LEU B 241 -1.72 6.73 17.44
C LEU B 241 -2.81 5.95 18.18
N TYR B 242 -3.22 6.42 19.36
CA TYR B 242 -4.25 5.73 20.11
C TYR B 242 -5.53 5.49 19.30
N GLY B 243 -6.11 4.31 19.47
CA GLY B 243 -7.32 3.98 18.77
C GLY B 243 -7.12 3.85 17.28
N GLN B 244 -5.88 4.00 16.82
CA GLN B 244 -5.63 3.90 15.38
C GLN B 244 -5.22 2.47 15.00
N ARG B 245 -5.60 2.05 13.80
CA ARG B 245 -5.25 0.70 13.36
C ARG B 245 -3.95 0.67 12.58
N LEU B 246 -3.03 -0.19 13.01
CA LEU B 246 -1.76 -0.37 12.34
C LEU B 246 -1.69 -1.79 11.77
N LYS B 247 -1.12 -1.93 10.58
CA LYS B 247 -0.92 -3.23 9.95
C LYS B 247 0.60 -3.32 9.92
N LEU B 248 1.17 -4.45 10.30
CA LEU B 248 2.61 -4.58 10.33
C LEU B 248 3.11 -5.80 9.62
N GLU B 249 3.90 -5.64 8.57
CA GLU B 249 4.48 -6.79 7.88
C GLU B 249 5.76 -7.15 8.66
N VAL B 250 5.87 -8.39 9.08
CA VAL B 250 7.03 -8.82 9.84
C VAL B 250 8.05 -9.27 8.81
N LEU B 251 9.13 -8.49 8.69
CA LEU B 251 10.14 -8.74 7.70
C LEU B 251 11.26 -9.67 8.11
N LYS B 252 11.77 -9.49 9.31
CA LYS B 252 12.87 -10.32 9.77
C LYS B 252 12.94 -10.45 11.25
N PHE B 253 13.46 -11.59 11.68
CA PHE B 253 13.66 -11.87 13.09
C PHE B 253 15.06 -11.31 13.37
N MET B 254 15.16 -10.38 14.31
CA MET B 254 16.45 -9.78 14.59
C MET B 254 17.26 -10.49 15.66
N ARG B 255 16.63 -10.84 16.77
CA ARG B 255 17.33 -11.55 17.84
C ARG B 255 16.33 -12.14 18.82
N ASP B 256 16.76 -13.08 19.64
CA ASP B 256 15.90 -13.72 20.64
C ASP B 256 15.58 -12.76 21.76
N GLU B 257 14.59 -13.10 22.55
CA GLU B 257 14.25 -12.27 23.69
C GLU B 257 15.49 -12.36 24.56
N LYS B 258 15.71 -11.38 25.41
CA LYS B 258 16.88 -11.41 26.27
C LYS B 258 16.63 -10.64 27.57
N LYS B 259 16.93 -11.29 28.69
CA LYS B 259 16.76 -10.66 29.99
C LYS B 259 17.90 -9.67 30.19
N PHE B 260 17.60 -8.57 30.88
CA PHE B 260 18.61 -7.54 31.13
C PHE B 260 18.54 -7.06 32.57
N ASP B 261 19.49 -7.53 33.37
CA ASP B 261 19.57 -7.15 34.78
C ASP B 261 19.61 -5.62 34.92
N SER B 262 20.72 -5.02 34.53
CA SER B 262 20.86 -3.58 34.62
C SER B 262 20.02 -2.95 33.51
N ILE B 263 19.36 -1.84 33.83
CA ILE B 263 18.51 -1.15 32.87
C ILE B 263 19.29 -0.44 31.76
N GLU B 264 20.60 -0.30 31.93
CA GLU B 264 21.41 0.36 30.92
C GLU B 264 21.67 -0.58 29.75
N GLU B 265 21.91 -1.85 30.06
CA GLU B 265 22.17 -2.86 29.03
C GLU B 265 21.00 -2.90 28.06
N LEU B 266 19.81 -2.56 28.55
CA LEU B 266 18.61 -2.55 27.72
C LEU B 266 18.71 -1.46 26.66
N LYS B 267 18.90 -0.21 27.08
CA LYS B 267 19.01 0.88 26.12
C LYS B 267 20.12 0.53 25.11
N ALA B 268 21.20 -0.06 25.62
CA ALA B 268 22.29 -0.46 24.75
C ALA B 268 21.66 -1.23 23.60
N ALA B 269 21.07 -2.38 23.95
CA ALA B 269 20.41 -3.25 22.99
C ALA B 269 19.33 -2.56 22.17
N ILE B 270 18.48 -1.76 22.82
CA ILE B 270 17.44 -1.07 22.09
C ILE B 270 18.07 -0.19 21.03
N ASP B 271 19.12 0.50 21.42
CA ASP B 271 19.79 1.40 20.51
C ASP B 271 20.38 0.63 19.37
N GLN B 272 21.02 -0.49 19.70
CA GLN B 272 21.62 -1.33 18.68
C GLN B 272 20.49 -1.81 17.74
N ASP B 273 19.33 -2.16 18.32
CA ASP B 273 18.19 -2.64 17.53
C ASP B 273 17.78 -1.62 16.47
N VAL B 274 17.53 -0.39 16.86
CA VAL B 274 17.13 0.59 15.87
C VAL B 274 18.25 0.70 14.84
N LYS B 275 19.48 0.68 15.33
CA LYS B 275 20.63 0.76 14.43
C LYS B 275 20.57 -0.43 13.47
N SER B 276 20.58 -1.63 14.04
CA SER B 276 20.55 -2.84 13.24
C SER B 276 19.42 -2.79 12.21
N ALA B 277 18.28 -2.23 12.62
CA ALA B 277 17.15 -2.13 11.72
C ALA B 277 17.53 -1.26 10.53
N ARG B 278 18.07 -0.06 10.83
CA ARG B 278 18.49 0.86 9.77
C ARG B 278 19.48 0.21 8.82
N ASN B 279 20.34 -0.65 9.32
CA ASN B 279 21.28 -1.30 8.41
C ASN B 279 20.54 -2.29 7.48
N MET B 280 19.68 -3.13 8.08
CA MET B 280 18.93 -4.09 7.29
C MET B 280 18.08 -3.33 6.28
N ILE B 281 17.51 -2.23 6.73
CA ILE B 281 16.69 -1.42 5.85
C ILE B 281 17.51 -0.96 4.68
N ASP B 282 18.74 -0.52 4.94
CA ASP B 282 19.60 -0.07 3.85
C ASP B 282 19.86 -1.28 2.90
N ASP B 283 20.14 -2.44 3.48
CA ASP B 283 20.42 -3.65 2.68
C ASP B 283 19.25 -4.00 1.76
N ILE B 284 18.05 -3.93 2.33
CA ILE B 284 16.85 -4.24 1.56
C ILE B 284 16.78 -3.29 0.36
N ILE B 285 16.95 -2.00 0.63
CA ILE B 285 16.92 -0.98 -0.42
C ILE B 285 17.99 -1.20 -1.50
N ASN B 286 19.18 -1.63 -1.11
CA ASN B 286 20.24 -1.83 -2.09
C ASN B 286 20.19 -3.20 -2.77
N SER B 287 19.44 -4.12 -2.20
CA SER B 287 19.32 -5.44 -2.77
C SER B 287 18.72 -5.30 -4.18
N LYS B 288 18.09 -4.16 -4.45
CA LYS B 288 17.46 -3.91 -5.76
C LYS B 288 18.44 -3.80 -6.94
N PHE B 289 19.73 -3.83 -6.64
CA PHE B 289 20.76 -3.74 -7.68
C PHE B 289 22.15 -3.98 -7.11
PB ADP C . -6.59 5.21 -29.72
O1B ADP C . -6.72 5.90 -28.42
O2B ADP C . -5.12 5.43 -30.34
O3B ADP C . -6.88 3.76 -29.58
PA ADP C . -7.43 6.19 -32.33
O1A ADP C . -6.67 5.14 -33.00
O2A ADP C . -8.75 6.31 -32.95
O3A ADP C . -7.57 5.86 -30.78
O5' ADP C . -6.70 7.59 -32.48
C5' ADP C . -6.21 8.48 -31.47
C4' ADP C . -5.59 9.67 -32.25
O4' ADP C . -6.64 10.56 -32.63
C3' ADP C . -4.60 10.52 -31.43
O3' ADP C . -3.39 10.83 -32.15
C2' ADP C . -5.38 11.76 -31.01
O2' ADP C . -4.56 12.90 -30.74
C1' ADP C . -6.38 11.91 -32.15
N9 ADP C . -7.73 12.53 -31.78
C8 ADP C . -8.53 13.11 -32.69
N7 ADP C . -9.63 13.57 -32.12
C5 ADP C . -9.57 13.31 -30.84
C6 ADP C . -10.41 13.54 -29.74
N6 ADP C . -11.58 14.18 -29.90
N1 ADP C . -10.03 13.12 -28.47
C2 ADP C . -8.85 12.47 -28.26
N3 ADP C . -8.03 12.24 -29.32
C4 ADP C . -8.34 12.63 -30.60
PB ADP D . 4.92 2.03 25.70
O1B ADP D . 4.21 2.03 27.01
O2B ADP D . 6.49 1.79 25.93
O3B ADP D . 4.36 1.00 24.81
PA ADP D . 4.40 4.93 25.50
O1A ADP D . 3.45 4.83 26.62
O2A ADP D . 5.58 5.70 25.93
O3A ADP D . 4.83 3.47 25.01
O5' ADP D . 3.73 5.72 24.29
C5' ADP D . 3.51 5.31 22.93
C4' ADP D . 2.81 6.55 22.29
O4' ADP D . 3.79 7.31 21.56
C3' ADP D . 1.71 6.22 21.24
O3' ADP D . 0.56 7.08 21.33
C2' ADP D . 2.40 6.34 19.90
O2' ADP D . 1.49 6.52 18.80
C1' ADP D . 3.37 7.49 20.18
N9 ADP D . 4.60 7.50 19.32
C8 ADP D . 5.20 8.64 18.90
N7 ADP D . 6.25 8.36 18.16
C5 ADP D . 6.37 7.08 18.08
C6 ADP D . 7.26 6.20 17.45
N6 ADP D . 8.27 6.68 16.73
N1 ADP D . 7.08 4.82 17.56
C2 ADP D . 6.06 4.28 18.28
N3 ADP D . 5.19 5.12 18.90
C4 ADP D . 5.30 6.49 18.83
#